data_9KXK
#
_entry.id   9KXK
#
_cell.length_a   68.838
_cell.length_b   68.838
_cell.length_c   79.551
_cell.angle_alpha   90.00
_cell.angle_beta   90.00
_cell.angle_gamma   120.00
#
_symmetry.space_group_name_H-M   'P 31 2 1'
#
loop_
_entity.id
_entity.type
_entity.pdbx_description
1 polymer 'Peptidyl-prolyl cis-trans isomerase NIMA-interacting 1'
2 non-polymer 1-(1H-pyrazol-3-yl)ethanone
3 non-polymer 3,6,9,12,15,18,21-HEPTAOXATRICOSANE-1,23-DIOL
4 non-polymer 'SULFATE ION'
5 water water
#
_entity_poly.entity_id   1
_entity_poly.type   'polypeptide(L)'
_entity_poly.pdbx_seq_one_letter_code
;MADEEKLPPGWEKAMSRSSGRVYYFNHITNASQWERPSGNSSSGGKNGQGEPARVRCSHLLVKHSQSRRPSSWRQEKITR
TKEEALELINGYIQKIKSGEEDFESLASQFSDCSSAKARGDLGAFSRGQMQKPFEDASFALRTGEMSGPVFTDSGIHIIL
RTE
;
_entity_poly.pdbx_strand_id   A
#
loop_
_chem_comp.id
_chem_comp.type
_chem_comp.name
_chem_comp.formula
A1EFQ non-polymer 1-(1H-pyrazol-3-yl)ethanone 'C5 H6 N2 O'
PE8 non-polymer 3,6,9,12,15,18,21-HEPTAOXATRICOSANE-1,23-DIOL 'C16 H34 O9'
SO4 non-polymer 'SULFATE ION' 'O4 S -2'
#
# COMPACT_ATOMS: atom_id res chain seq x y z
N LYS A 6 1.74 -20.60 12.88
CA LYS A 6 1.23 -19.75 13.96
C LYS A 6 0.26 -18.65 13.46
N LEU A 7 0.80 -17.74 12.65
CA LEU A 7 0.16 -16.51 12.16
C LEU A 7 0.08 -16.53 10.64
N PRO A 8 -0.80 -15.72 10.04
CA PRO A 8 -0.99 -15.77 8.58
C PRO A 8 0.27 -15.34 7.85
N PRO A 9 0.39 -15.67 6.56
CA PRO A 9 1.67 -15.50 5.86
C PRO A 9 2.19 -14.07 5.98
N GLY A 10 3.46 -13.94 6.35
CA GLY A 10 4.10 -12.64 6.45
C GLY A 10 4.01 -11.99 7.82
N TRP A 11 3.07 -12.39 8.66
CA TRP A 11 2.82 -11.74 9.96
C TRP A 11 3.75 -12.26 11.06
N GLU A 12 4.34 -11.33 11.83
CA GLU A 12 5.18 -11.66 12.98
C GLU A 12 4.78 -10.80 14.18
N LYS A 13 5.19 -11.24 15.38
CA LYS A 13 5.03 -10.43 16.57
C LYS A 13 6.16 -9.42 16.67
N ALA A 14 5.86 -8.27 17.25
CA ALA A 14 6.88 -7.26 17.45
C ALA A 14 6.62 -6.58 18.79
N MET A 15 7.57 -5.76 19.22
CA MET A 15 7.47 -5.05 20.47
C MET A 15 7.43 -3.55 20.23
N SER A 16 6.39 -2.89 20.74
CA SER A 16 6.29 -1.44 20.69
C SER A 16 7.36 -0.80 21.55
N ARG A 17 8.13 0.13 20.98
CA ARG A 17 9.10 0.87 21.79
C ARG A 17 8.39 1.82 22.74
N SER A 18 7.38 2.52 22.24
CA SER A 18 6.73 3.58 22.99
C SER A 18 5.72 3.08 24.02
N SER A 19 5.23 1.83 23.89
CA SER A 19 4.28 1.30 24.86
C SER A 19 4.73 0.01 25.54
N GLY A 20 5.73 -0.69 25.00
CA GLY A 20 6.07 -2.01 25.50
C GLY A 20 5.02 -3.07 25.29
N ARG A 21 3.97 -2.79 24.51
CA ARG A 21 2.94 -3.76 24.18
C ARG A 21 3.30 -4.47 22.89
N VAL A 22 3.00 -5.77 22.83
CA VAL A 22 3.26 -6.50 21.60
C VAL A 22 2.34 -5.93 20.50
N TYR A 23 2.81 -5.97 19.26
CA TYR A 23 1.96 -5.68 18.12
C TYR A 23 2.29 -6.65 17.00
N TYR A 24 1.56 -6.54 15.89
CA TYR A 24 1.77 -7.42 14.76
C TYR A 24 2.23 -6.61 13.56
N PHE A 25 3.26 -7.14 12.90
CA PHE A 25 3.88 -6.58 11.72
C PHE A 25 3.89 -7.62 10.62
N ASN A 26 3.66 -7.19 9.38
CA ASN A 26 3.70 -8.10 8.24
C ASN A 26 4.84 -7.61 7.35
N HIS A 27 5.88 -8.44 7.21
CA HIS A 27 7.07 -8.03 6.48
C HIS A 27 6.90 -8.13 4.97
N ILE A 28 5.77 -8.65 4.47
CA ILE A 28 5.46 -8.62 3.04
C ILE A 28 4.63 -7.41 2.66
N THR A 29 3.60 -7.08 3.45
CA THR A 29 2.69 -5.94 3.17
C THR A 29 3.09 -4.66 3.91
N ASN A 30 3.91 -4.76 4.95
CA ASN A 30 4.35 -3.60 5.77
C ASN A 30 3.18 -3.09 6.63
N ALA A 31 2.16 -3.92 6.84
CA ALA A 31 1.03 -3.54 7.73
C ALA A 31 1.46 -3.68 9.19
N SER A 32 0.86 -2.89 10.08
CA SER A 32 1.15 -3.03 11.49
C SER A 32 -0.12 -2.66 12.21
N GLN A 33 -0.41 -3.39 13.28
CA GLN A 33 -1.66 -3.24 13.98
C GLN A 33 -1.48 -3.89 15.33
N TRP A 34 -2.23 -3.39 16.31
CA TRP A 34 -2.18 -3.96 17.66
C TRP A 34 -2.87 -5.32 17.71
N GLU A 35 -3.92 -5.50 16.90
CA GLU A 35 -4.79 -6.66 16.98
C GLU A 35 -4.18 -7.86 16.26
N ARG A 36 -4.37 -9.05 16.81
CA ARG A 36 -3.91 -10.27 16.15
C ARG A 36 -4.65 -10.46 14.83
N PRO A 37 -3.93 -10.74 13.73
CA PRO A 37 -4.57 -10.87 12.41
C PRO A 37 -5.64 -11.95 12.39
N SER A 38 -6.65 -11.76 11.54
CA SER A 38 -7.70 -12.75 11.34
C SER A 38 -7.15 -13.99 10.62
N GLY A 39 -7.73 -15.15 10.97
CA GLY A 39 -7.47 -16.43 10.32
C GLY A 39 -6.25 -16.62 9.42
N GLU A 51 -4.20 -20.13 -1.36
CA GLU A 51 -4.33 -18.72 -1.74
C GLU A 51 -5.01 -18.59 -3.11
N PRO A 52 -5.72 -17.49 -3.34
CA PRO A 52 -6.54 -17.38 -4.55
C PRO A 52 -5.69 -17.29 -5.81
N ALA A 53 -6.34 -17.60 -6.93
CA ALA A 53 -5.70 -17.45 -8.24
C ALA A 53 -5.65 -15.99 -8.65
N ARG A 54 -6.62 -15.20 -8.19
CA ARG A 54 -6.71 -13.80 -8.52
C ARG A 54 -7.03 -13.04 -7.23
N VAL A 55 -6.48 -11.84 -7.11
CA VAL A 55 -6.97 -10.85 -6.16
C VAL A 55 -7.33 -9.61 -6.96
N ARG A 56 -8.16 -8.77 -6.34
CA ARG A 56 -8.47 -7.45 -6.86
C ARG A 56 -8.06 -6.40 -5.84
N CYS A 57 -7.28 -5.41 -6.27
CA CYS A 57 -6.77 -4.39 -5.37
C CYS A 57 -6.91 -3.01 -5.96
N SER A 58 -7.01 -2.04 -5.08
CA SER A 58 -6.81 -0.64 -5.42
C SER A 58 -5.52 -0.19 -4.77
N HIS A 59 -5.01 0.93 -5.25
CA HIS A 59 -3.75 1.38 -4.66
C HIS A 59 -3.68 2.90 -4.79
N LEU A 60 -2.84 3.47 -3.97
CA LEU A 60 -2.51 4.88 -4.04
C LEU A 60 -1.00 4.93 -4.22
N LEU A 61 -0.56 5.51 -5.32
CA LEU A 61 0.84 5.57 -5.65
C LEU A 61 1.34 6.99 -5.39
N VAL A 62 2.47 7.12 -4.70
CA VAL A 62 3.14 8.40 -4.63
C VAL A 62 4.50 8.21 -5.29
N LYS A 63 4.70 8.88 -6.40
CA LYS A 63 5.93 8.74 -7.16
C LYS A 63 7.00 9.66 -6.56
N HIS A 64 8.23 9.53 -7.03
CA HIS A 64 9.34 10.37 -6.56
C HIS A 64 10.38 10.49 -7.68
N SER A 65 11.57 10.99 -7.35
CA SER A 65 12.53 11.30 -8.41
C SER A 65 13.16 10.06 -9.00
N GLN A 66 13.21 8.96 -8.25
CA GLN A 66 13.80 7.74 -8.73
C GLN A 66 12.74 6.79 -9.32
N SER A 67 11.49 7.23 -9.40
CA SER A 67 10.45 6.46 -10.04
C SER A 67 10.84 6.11 -11.47
N ARG A 68 10.48 4.89 -11.89
CA ARG A 68 10.77 4.41 -13.24
C ARG A 68 10.35 5.42 -14.29
N ARG A 69 9.27 6.15 -14.05
CA ARG A 69 8.82 7.25 -14.91
C ARG A 69 8.44 8.42 -14.01
N PRO A 70 9.41 9.31 -13.67
CA PRO A 70 9.09 10.42 -12.75
C PRO A 70 8.10 11.45 -13.32
N SER A 71 6.92 10.96 -13.71
CA SER A 71 5.86 11.82 -14.23
C SER A 71 4.51 11.18 -13.92
N SER A 72 3.49 12.01 -13.75
CA SER A 72 2.14 11.55 -13.48
C SER A 72 1.14 12.59 -13.97
N TRP A 73 -0.14 12.21 -14.03
CA TRP A 73 -1.19 13.17 -14.35
C TRP A 73 -1.28 14.31 -13.36
N ARG A 74 -0.69 14.18 -12.17
CA ARG A 74 -0.69 15.28 -11.22
C ARG A 74 0.43 16.25 -11.49
N GLN A 75 1.57 15.78 -11.99
CA GLN A 75 2.80 16.55 -12.06
C GLN A 75 3.55 16.12 -13.31
N GLU A 76 3.79 17.08 -14.21
CA GLU A 76 4.56 16.73 -15.42
C GLU A 76 5.93 16.23 -15.04
N LYS A 77 6.62 16.93 -14.12
CA LYS A 77 7.93 16.52 -13.61
C LYS A 77 7.81 16.31 -12.12
N ILE A 78 7.83 15.05 -11.69
CA ILE A 78 7.81 14.77 -10.27
C ILE A 78 9.22 14.92 -9.72
N THR A 79 9.36 15.75 -8.70
CA THR A 79 10.67 16.11 -8.17
C THR A 79 10.89 15.73 -6.71
N ARG A 80 9.88 15.20 -6.01
CA ARG A 80 10.09 14.86 -4.61
C ARG A 80 11.02 13.64 -4.50
N THR A 81 11.64 13.52 -3.32
CA THR A 81 12.58 12.44 -2.99
C THR A 81 11.83 11.20 -2.48
N LYS A 82 12.50 10.04 -2.57
CA LYS A 82 12.00 8.83 -1.90
C LYS A 82 11.51 9.14 -0.49
N GLU A 83 12.28 9.93 0.26
CA GLU A 83 11.95 10.19 1.65
C GLU A 83 10.69 11.05 1.76
N GLU A 84 10.56 12.05 0.90
CA GLU A 84 9.39 12.92 0.92
C GLU A 84 8.15 12.14 0.50
N ALA A 85 8.30 11.24 -0.47
CA ALA A 85 7.19 10.40 -0.93
C ALA A 85 6.73 9.43 0.14
N LEU A 86 7.66 8.89 0.94
CA LEU A 86 7.31 8.00 2.05
C LEU A 86 6.56 8.74 3.14
N GLU A 87 6.96 9.98 3.42
CA GLU A 87 6.26 10.74 4.45
C GLU A 87 4.82 11.03 4.02
N LEU A 88 4.61 11.38 2.75
CA LEU A 88 3.25 11.53 2.23
C LEU A 88 2.43 10.26 2.42
N ILE A 89 2.99 9.13 1.99
CA ILE A 89 2.33 7.85 2.20
C ILE A 89 2.04 7.64 3.68
N ASN A 90 2.97 8.05 4.55
CA ASN A 90 2.77 7.85 5.98
C ASN A 90 1.60 8.70 6.45
N GLY A 91 1.48 9.92 5.92
CA GLY A 91 0.35 10.77 6.30
C GLY A 91 -0.98 10.27 5.77
N TYR A 92 -0.99 9.68 4.58
CA TYR A 92 -2.25 9.14 4.02
C TYR A 92 -2.74 7.97 4.83
N ILE A 93 -1.83 7.07 5.22
CA ILE A 93 -2.15 5.96 6.10
C ILE A 93 -2.71 6.47 7.41
N GLN A 94 -2.06 7.49 8.02
CA GLN A 94 -2.57 7.98 9.30
C GLN A 94 -3.98 8.53 9.15
N LYS A 95 -4.26 9.18 8.03
CA LYS A 95 -5.60 9.72 7.79
C LYS A 95 -6.61 8.61 7.51
N ILE A 96 -6.21 7.55 6.82
CA ILE A 96 -7.12 6.42 6.60
C ILE A 96 -7.42 5.72 7.92
N LYS A 97 -6.37 5.42 8.67
CA LYS A 97 -6.51 4.69 9.92
C LYS A 97 -7.27 5.51 10.96
N SER A 98 -7.17 6.85 10.92
CA SER A 98 -7.91 7.65 11.88
C SER A 98 -9.37 7.84 11.49
N GLY A 99 -9.75 7.42 10.27
CA GLY A 99 -11.08 7.67 9.74
C GLY A 99 -11.28 9.07 9.23
N GLU A 100 -10.25 9.92 9.29
CA GLU A 100 -10.34 11.26 8.75
C GLU A 100 -10.62 11.23 7.25
N GLU A 101 -10.07 10.23 6.55
CA GLU A 101 -10.28 10.10 5.09
C GLU A 101 -10.44 8.62 4.69
N ASP A 102 -11.03 8.36 3.51
CA ASP A 102 -11.14 6.97 3.02
C ASP A 102 -10.06 6.74 1.95
N PHE A 103 -9.67 5.49 1.79
CA PHE A 103 -8.62 5.13 0.82
C PHE A 103 -8.96 5.60 -0.58
N GLU A 104 -10.19 5.33 -1.04
CA GLU A 104 -10.40 5.59 -2.46
C GLU A 104 -10.58 7.07 -2.73
N SER A 105 -11.08 7.83 -1.76
CA SER A 105 -11.05 9.28 -1.86
C SER A 105 -9.63 9.81 -2.03
N LEU A 106 -8.69 9.37 -1.17
CA LEU A 106 -7.30 9.83 -1.27
C LEU A 106 -6.64 9.31 -2.54
N ALA A 107 -6.98 8.10 -2.98
CA ALA A 107 -6.44 7.64 -4.26
C ALA A 107 -6.87 8.56 -5.40
N SER A 108 -8.16 8.94 -5.42
CA SER A 108 -8.65 9.81 -6.50
C SER A 108 -7.96 11.16 -6.51
N GLN A 109 -7.64 11.71 -5.34
CA GLN A 109 -7.05 13.04 -5.24
C GLN A 109 -5.55 13.04 -5.45
N PHE A 110 -4.85 12.02 -4.96
CA PHE A 110 -3.42 12.16 -4.80
C PHE A 110 -2.62 11.01 -5.39
N SER A 111 -3.23 9.95 -5.90
CA SER A 111 -2.43 8.88 -6.49
C SER A 111 -1.76 9.37 -7.78
N ASP A 112 -0.45 9.15 -7.88
CA ASP A 112 0.29 9.45 -9.09
C ASP A 112 0.11 8.39 -10.16
N CYS A 113 -0.82 7.47 -9.99
CA CYS A 113 -1.09 6.51 -11.05
C CYS A 113 -2.41 6.87 -11.73
N SER A 114 -2.48 6.56 -13.02
CA SER A 114 -3.66 6.88 -13.82
C SER A 114 -4.90 6.13 -13.35
N SER A 115 -4.71 5.09 -12.51
CA SER A 115 -5.87 4.44 -11.91
C SER A 115 -6.47 5.30 -10.83
N ALA A 116 -5.84 6.44 -10.50
CA ALA A 116 -6.49 7.42 -9.63
C ALA A 116 -7.88 7.67 -10.15
N LYS A 117 -8.06 7.67 -11.46
CA LYS A 117 -9.40 8.03 -12.03
C LYS A 117 -10.43 6.93 -11.74
N ALA A 118 -10.01 5.73 -11.32
CA ALA A 118 -11.00 4.74 -10.98
C ALA A 118 -10.89 4.45 -9.49
N ARG A 119 -10.70 5.53 -8.70
CA ARG A 119 -10.51 5.45 -7.24
C ARG A 119 -9.40 4.46 -6.88
N GLY A 120 -8.37 4.39 -7.73
CA GLY A 120 -7.21 3.53 -7.49
C GLY A 120 -7.39 2.08 -7.89
N ASP A 121 -8.57 1.71 -8.39
CA ASP A 121 -8.84 0.31 -8.73
C ASP A 121 -7.99 -0.13 -9.90
N LEU A 122 -7.36 -1.28 -9.75
CA LEU A 122 -6.57 -1.90 -10.80
C LEU A 122 -7.27 -3.11 -11.40
N GLY A 123 -8.40 -3.54 -10.86
CA GLY A 123 -9.05 -4.70 -11.37
C GLY A 123 -8.40 -5.94 -10.79
N ALA A 124 -8.86 -7.09 -11.26
CA ALA A 124 -8.31 -8.35 -10.79
C ALA A 124 -7.04 -8.70 -11.55
N PHE A 125 -6.15 -9.42 -10.88
CA PHE A 125 -4.88 -9.83 -11.50
C PHE A 125 -4.38 -11.10 -10.84
N SER A 126 -3.52 -11.79 -11.58
CA SER A 126 -2.93 -13.04 -11.14
C SER A 126 -1.48 -12.78 -10.76
N ARG A 127 -0.80 -13.81 -10.23
CA ARG A 127 0.63 -13.73 -10.01
C ARG A 127 1.37 -13.78 -11.35
N GLY A 128 2.46 -13.00 -11.45
CA GLY A 128 3.15 -12.83 -12.72
C GLY A 128 2.75 -11.63 -13.54
N GLN A 129 1.81 -10.79 -13.08
CA GLN A 129 1.45 -9.61 -13.86
C GLN A 129 2.01 -8.30 -13.33
N MET A 130 1.98 -8.10 -12.02
CA MET A 130 2.44 -6.84 -11.46
CA MET A 130 2.42 -6.84 -11.43
C MET A 130 3.89 -6.92 -11.04
N GLN A 131 4.47 -5.76 -10.79
CA GLN A 131 5.80 -5.72 -10.18
C GLN A 131 5.78 -6.49 -8.88
N LYS A 132 6.87 -7.25 -8.62
CA LYS A 132 6.63 -8.28 -7.61
C LYS A 132 6.39 -7.78 -6.18
N PRO A 133 7.07 -6.74 -5.67
CA PRO A 133 6.76 -6.32 -4.29
C PRO A 133 5.29 -6.04 -4.11
N PHE A 134 4.69 -5.42 -5.14
CA PHE A 134 3.25 -5.16 -5.19
C PHE A 134 2.45 -6.45 -5.25
N GLU A 135 2.83 -7.34 -6.17
CA GLU A 135 2.15 -8.63 -6.25
C GLU A 135 2.21 -9.35 -4.91
N ASP A 136 3.40 -9.36 -4.30
CA ASP A 136 3.54 -10.11 -3.06
C ASP A 136 2.65 -9.51 -1.98
N ALA A 137 2.71 -8.18 -1.83
CA ALA A 137 1.88 -7.51 -0.83
C ALA A 137 0.41 -7.80 -1.10
N SER A 138 -0.02 -7.63 -2.36
CA SER A 138 -1.42 -7.85 -2.72
C SER A 138 -1.90 -9.24 -2.31
N PHE A 139 -1.09 -10.26 -2.61
CA PHE A 139 -1.56 -11.62 -2.35
C PHE A 139 -1.44 -12.01 -0.87
N ALA A 140 -0.66 -11.28 -0.08
CA ALA A 140 -0.60 -11.51 1.35
C ALA A 140 -1.67 -10.71 2.10
N LEU A 141 -2.37 -9.82 1.42
CA LEU A 141 -3.51 -9.12 2.00
C LEU A 141 -4.74 -10.00 1.95
N ARG A 142 -5.55 -9.91 2.98
CA ARG A 142 -6.87 -10.48 2.91
C ARG A 142 -7.83 -9.40 2.43
N THR A 143 -8.98 -9.82 1.90
CA THR A 143 -9.97 -8.87 1.44
C THR A 143 -10.32 -7.91 2.56
N GLY A 144 -10.32 -6.62 2.26
CA GLY A 144 -10.60 -5.62 3.25
C GLY A 144 -9.37 -5.05 3.95
N GLU A 145 -8.21 -5.67 3.79
CA GLU A 145 -7.01 -5.25 4.47
C GLU A 145 -6.19 -4.30 3.61
N MET A 146 -5.51 -3.38 4.28
CA MET A 146 -4.59 -2.41 3.71
C MET A 146 -3.15 -2.76 4.06
N SER A 147 -2.25 -2.47 3.13
CA SER A 147 -0.82 -2.55 3.33
C SER A 147 -0.28 -1.28 3.99
N GLY A 148 0.97 -1.35 4.45
CA GLY A 148 1.73 -0.16 4.71
C GLY A 148 2.43 0.19 3.41
N PRO A 149 3.38 1.14 3.48
CA PRO A 149 4.18 1.47 2.29
C PRO A 149 4.74 0.24 1.59
N VAL A 150 4.47 0.11 0.30
CA VAL A 150 5.06 -0.94 -0.52
C VAL A 150 5.88 -0.28 -1.62
N PHE A 151 7.18 -0.62 -1.69
CA PHE A 151 8.16 -0.02 -2.59
C PHE A 151 8.27 -0.83 -3.87
N THR A 152 8.16 -0.16 -5.01
CA THR A 152 8.38 -0.78 -6.32
C THR A 152 9.14 0.22 -7.16
N ASP A 153 9.42 -0.15 -8.40
CA ASP A 153 10.11 0.81 -9.23
C ASP A 153 9.22 1.97 -9.66
N SER A 154 7.87 1.85 -9.54
CA SER A 154 7.03 3.01 -9.81
C SER A 154 7.11 4.06 -8.71
N GLY A 155 7.33 3.66 -7.47
CA GLY A 155 7.27 4.59 -6.36
C GLY A 155 6.88 3.87 -5.08
N ILE A 156 6.12 4.54 -4.22
CA ILE A 156 5.62 3.95 -2.97
C ILE A 156 4.10 3.87 -3.02
N HIS A 157 3.58 2.69 -2.67
CA HIS A 157 2.18 2.35 -2.81
C HIS A 157 1.57 2.12 -1.43
N ILE A 158 0.27 2.41 -1.32
CA ILE A 158 -0.57 1.83 -0.30
C ILE A 158 -1.53 0.93 -1.09
N ILE A 159 -1.78 -0.29 -0.62
CA ILE A 159 -2.61 -1.24 -1.37
C ILE A 159 -3.82 -1.64 -0.55
N LEU A 160 -5.01 -1.57 -1.16
CA LEU A 160 -6.23 -2.07 -0.54
C LEU A 160 -6.71 -3.26 -1.35
N ARG A 161 -6.87 -4.40 -0.69
CA ARG A 161 -7.41 -5.57 -1.38
C ARG A 161 -8.92 -5.51 -1.31
N THR A 162 -9.58 -5.55 -2.46
CA THR A 162 -11.02 -5.42 -2.47
C THR A 162 -11.75 -6.73 -2.72
N GLU A 163 -11.14 -7.66 -3.46
CA GLU A 163 -11.73 -8.98 -3.71
C GLU A 163 -10.62 -10.02 -3.64
N1 A1EFQ B . -9.41 -1.15 4.72
C4 A1EFQ B . -8.60 0.84 4.39
C5 A1EFQ B . -8.30 -0.40 4.86
C1 A1EFQ B . -10.62 3.22 3.86
C2 A1EFQ B . -10.80 1.82 3.37
C3 A1EFQ B . -9.93 0.77 3.97
N2 A1EFQ B . -10.43 -0.45 4.17
O1 A1EFQ B . -11.63 1.54 2.53
O1 PE8 C . -1.25 -0.98 8.34
C2 PE8 C . -0.42 -0.14 7.57
C3 PE8 C . 0.73 0.45 8.35
O4 PE8 C . 0.25 1.44 9.24
C5 PE8 C . 1.29 2.15 9.89
C6 PE8 C . 0.71 3.21 10.79
O7 PE8 C . -0.09 2.58 11.78
C8 PE8 C . -0.44 3.47 12.83
C9 PE8 C . -1.29 2.73 13.83
O10 PE8 C . -0.52 1.63 14.31
C11 PE8 C . -1.24 0.80 15.21
C12 PE8 C . -0.36 -0.29 15.69
O13 PE8 C . 0.86 0.26 16.20
C14 PE8 C . 1.69 -0.73 16.78
C15 PE8 C . 2.97 -0.09 17.15
O16 PE8 C . 3.63 0.33 15.96
C17 PE8 C . 4.86 0.98 16.22
C18 PE8 C . 5.84 0.53 15.18
O19 PE8 C . 5.23 0.68 13.90
C20 PE8 C . 5.36 2.00 13.38
C21 PE8 C . 4.54 2.12 12.14
O22 PE8 C . 5.11 3.06 11.25
C23 PE8 C . 4.90 4.42 11.63
C24 PE8 C . 5.55 5.31 10.60
O25 PE8 C . 5.60 6.67 11.00
S SO4 D . -9.69 -13.63 2.15
O1 SO4 D . -10.16 -14.97 2.51
O2 SO4 D . -8.27 -13.70 1.77
O3 SO4 D . -10.47 -13.11 1.02
O4 SO4 D . -9.90 -12.74 3.31
S SO4 E . 5.91 3.97 -13.82
O1 SO4 E . 5.82 2.70 -13.12
O2 SO4 E . 6.78 4.90 -13.09
O3 SO4 E . 6.48 3.61 -15.11
O4 SO4 E . 4.58 4.61 -14.03
#